data_5IKJ
#
_entry.id   5IKJ
#
_cell.length_a   103.499
_cell.length_b   103.499
_cell.length_c   135.090
_cell.angle_alpha   90.00
_cell.angle_beta   90.00
_cell.angle_gamma   120.00
#
_symmetry.space_group_name_H-M   'P 31 2 1'
#
loop_
_entity.id
_entity.type
_entity.pdbx_description
1 polymer 'Cryptic loci regulator 2'
2 polymer 'Cryptic loci regulator protein 1'
3 non-polymer 'ZINC ION'
4 non-polymer 'CHLORIDE ION'
5 water water
#
loop_
_entity_poly.entity_id
_entity_poly.type
_entity_poly.pdbx_seq_one_letter_code
_entity_poly.pdbx_strand_id
1 'polypeptide(L)'
;MASMTGGQQMGMPAITCVWSDGRSDTWPNVNGHSRTRSVPSLKPLPHQDSKNLLYRQICGRLLAQHVFGGAGSTQPILNQ
LCKRLSTGNPNNTNASTVVTAPEKNVVSARHVRPNPKSSKDTLEKQPKYSSQIYLTDSFENYYLASLPTNYQLYQRDSNR
ENGNGKREFWLYGHPSGRPFRSVNDFLHHLYWLISDLTRNESTCCCVLCSGNMTRVRKNLQKENERMFHECKDDTYTWPS
SYRLGEVVWIDINNELIPAIIVARNLINYESNQMDAVKLISDTFVEPYQYHCKQLGNSRYYFDMAAADIEPWSRHPLDLQ
KQEHLVAHSICQTWNLFGIFQPLEGIDMEEPKFHDENYSIPLTVLPTFGGESNSLDDHFYGIFRGAEKLWINDLCVISTS
SLPSVLQKTSFMYISDIYVNEDDIVCFQGSLWTQIDKNALDYNDSADNIDEHKDDLKELPRRLQMVSKLSNTYFRCLHDK
SVEYVCPFADVLGRWYEPWFVKGDLNYTSEVKERTSSRLSAVGSENWVDDDFYEYLLSEIDMVSAVVM
;
A
2 'polypeptide(L)'
;SSLLSRLTQSNQSKDKIIAALAKRNVYKSFAGLYDSKGKNDNTGYDFDSNYARVGRHGSFILPVSKSVPTPSLLIEGSIV
QRKNIKIE
;
B
#
# COMPACT_ATOMS: atom_id res chain seq x y z
N MET A 12 -13.17 25.06 -7.25
CA MET A 12 -14.07 23.91 -7.55
C MET A 12 -13.61 23.18 -8.81
N PRO A 13 -12.68 22.24 -8.66
CA PRO A 13 -12.17 21.52 -9.84
C PRO A 13 -13.27 20.72 -10.52
N ALA A 14 -13.33 20.85 -11.84
CA ALA A 14 -14.36 20.20 -12.65
C ALA A 14 -13.72 19.05 -13.44
N ILE A 15 -14.31 17.87 -13.32
CA ILE A 15 -13.75 16.64 -13.90
C ILE A 15 -14.53 16.29 -15.16
N THR A 16 -13.80 15.88 -16.20
CA THR A 16 -14.39 15.41 -17.45
C THR A 16 -13.77 14.07 -17.81
N CYS A 17 -14.58 13.21 -18.42
CA CYS A 17 -14.11 11.91 -18.88
C CYS A 17 -13.48 12.03 -20.25
N VAL A 18 -12.29 11.45 -20.41
CA VAL A 18 -11.62 11.48 -21.71
C VAL A 18 -12.37 10.62 -22.72
N TRP A 19 -12.86 9.46 -22.31
CA TRP A 19 -13.58 8.56 -23.20
C TRP A 19 -14.77 7.97 -22.48
N SER A 20 -15.71 7.42 -23.25
CA SER A 20 -16.93 6.88 -22.72
C SER A 20 -17.41 5.73 -23.59
N ASP A 21 -17.87 4.66 -22.95
CA ASP A 21 -18.50 3.53 -23.63
C ASP A 21 -20.01 3.69 -23.75
N GLY A 22 -20.55 4.85 -23.37
CA GLY A 22 -21.99 5.03 -23.37
C GLY A 22 -22.58 4.87 -24.76
N ARG A 23 -23.81 4.35 -24.79
CA ARG A 23 -24.55 4.17 -26.03
C ARG A 23 -25.90 4.87 -25.90
N SER A 24 -26.13 5.87 -26.75
CA SER A 24 -27.37 6.64 -26.68
C SER A 24 -28.59 5.76 -26.85
N ASP A 25 -28.49 4.68 -27.63
CA ASP A 25 -29.66 3.87 -27.95
C ASP A 25 -30.00 2.86 -26.85
N THR A 26 -29.42 2.97 -25.66
CA THR A 26 -29.92 2.27 -24.50
C THR A 26 -30.93 3.08 -23.71
N TRP A 27 -31.02 4.35 -24.04
CA TRP A 27 -31.92 5.24 -23.38
C TRP A 27 -33.33 4.74 -23.57
N PRO A 28 -34.18 5.00 -22.52
CA PRO A 28 -35.54 4.52 -22.71
C PRO A 28 -36.55 5.53 -23.22
N PRO A 40 -44.68 3.42 -12.43
CA PRO A 40 -43.32 3.20 -12.94
C PRO A 40 -42.97 4.17 -14.08
N SER A 41 -42.86 5.45 -13.75
CA SER A 41 -42.51 6.48 -14.72
C SER A 41 -41.06 6.91 -14.54
N LEU A 42 -40.49 7.44 -15.63
CA LEU A 42 -39.13 7.94 -15.63
C LEU A 42 -39.13 9.40 -16.05
N LYS A 43 -38.43 10.23 -15.29
CA LYS A 43 -38.38 11.67 -15.52
C LYS A 43 -36.95 12.09 -15.82
N PRO A 44 -36.63 12.53 -17.03
CA PRO A 44 -35.24 12.91 -17.33
C PRO A 44 -34.77 14.06 -16.45
N LEU A 45 -33.52 13.95 -15.98
CA LEU A 45 -32.89 15.00 -15.19
C LEU A 45 -31.77 15.63 -16.01
N PRO A 46 -31.98 16.78 -16.63
CA PRO A 46 -30.95 17.35 -17.49
C PRO A 46 -29.79 17.93 -16.69
N HIS A 47 -28.76 18.36 -17.42
CA HIS A 47 -27.57 18.92 -16.79
C HIS A 47 -27.92 20.03 -15.79
N GLN A 48 -28.91 20.85 -16.11
CA GLN A 48 -29.23 22.01 -15.28
C GLN A 48 -29.97 21.64 -14.00
N ASP A 49 -30.65 20.49 -13.98
CA ASP A 49 -31.45 20.12 -12.82
C ASP A 49 -30.59 20.08 -11.57
N SER A 50 -31.15 20.56 -10.46
CA SER A 50 -30.41 20.60 -9.20
C SER A 50 -30.03 19.21 -8.73
N LYS A 51 -30.80 18.19 -9.11
CA LYS A 51 -30.50 16.82 -8.72
C LYS A 51 -29.45 16.20 -9.63
N ASN A 52 -29.46 16.54 -10.92
CA ASN A 52 -28.37 16.13 -11.79
C ASN A 52 -27.04 16.69 -11.31
N LEU A 53 -27.04 17.97 -10.89
CA LEU A 53 -25.84 18.55 -10.33
C LEU A 53 -25.37 17.78 -9.10
N LEU A 54 -26.30 17.52 -8.16
CA LEU A 54 -25.94 16.78 -6.96
C LEU A 54 -25.38 15.41 -7.32
N TYR A 55 -25.98 14.74 -8.30
CA TYR A 55 -25.46 13.47 -8.77
C TYR A 55 -24.01 13.61 -9.23
N ARG A 56 -23.75 14.61 -10.08
CA ARG A 56 -22.40 14.83 -10.59
C ARG A 56 -21.46 15.38 -9.51
N GLN A 57 -21.99 16.00 -8.47
CA GLN A 57 -21.13 16.42 -7.36
C GLN A 57 -20.67 15.23 -6.54
N ILE A 58 -21.56 14.26 -6.31
CA ILE A 58 -21.19 13.06 -5.56
C ILE A 58 -20.19 12.24 -6.36
N CYS A 59 -20.47 12.05 -7.66
CA CYS A 59 -19.53 11.33 -8.52
C CYS A 59 -18.15 11.96 -8.50
N GLY A 60 -18.09 13.30 -8.62
CA GLY A 60 -16.81 13.97 -8.67
C GLY A 60 -16.04 13.87 -7.36
N ARG A 61 -16.72 14.06 -6.23
CA ARG A 61 -16.04 13.98 -4.94
C ARG A 61 -15.49 12.58 -4.72
N LEU A 62 -16.32 11.55 -4.92
CA LEU A 62 -15.91 10.19 -4.61
C LEU A 62 -14.92 9.66 -5.64
N LEU A 63 -15.11 10.02 -6.91
CA LEU A 63 -14.09 9.72 -7.91
C LEU A 63 -12.76 10.35 -7.52
N ALA A 64 -12.78 11.64 -7.16
CA ALA A 64 -11.54 12.32 -6.78
C ALA A 64 -10.89 11.65 -5.58
N GLN A 65 -11.68 11.29 -4.57
CA GLN A 65 -11.14 10.59 -3.41
C GLN A 65 -10.66 9.20 -3.75
N HIS A 66 -11.11 8.64 -4.88
CA HIS A 66 -10.64 7.32 -5.30
C HIS A 66 -9.35 7.43 -6.09
N VAL A 67 -9.35 8.28 -7.13
CA VAL A 67 -8.17 8.38 -8.00
C VAL A 67 -7.00 8.98 -7.25
N PHE A 68 -7.26 10.01 -6.45
CA PHE A 68 -6.21 10.68 -5.68
C PHE A 68 -6.17 10.24 -4.23
N GLY A 69 -6.72 9.06 -3.93
CA GLY A 69 -6.71 8.54 -2.58
C GLY A 69 -6.76 7.03 -2.54
N GLY A 70 -7.97 6.48 -2.42
CA GLY A 70 -8.17 5.06 -2.34
C GLY A 70 -8.07 4.52 -0.92
N ALA A 71 -8.67 3.35 -0.71
CA ALA A 71 -8.73 2.74 0.61
C ALA A 71 -7.34 2.68 1.24
N GLY A 72 -7.26 3.19 2.47
CA GLY A 72 -6.05 3.08 3.26
C GLY A 72 -5.11 4.25 3.20
N SER A 73 -5.44 5.29 2.44
CA SER A 73 -4.52 6.42 2.28
C SER A 73 -4.40 7.20 3.59
N THR A 74 -3.15 7.52 3.95
CA THR A 74 -2.88 8.44 5.05
C THR A 74 -2.17 9.71 4.56
N GLN A 75 -2.15 9.94 3.24
CA GLN A 75 -1.48 11.13 2.72
C GLN A 75 -2.10 12.43 3.23
N PRO A 76 -3.41 12.54 3.41
CA PRO A 76 -3.94 13.78 4.01
C PRO A 76 -3.37 14.06 5.39
N ILE A 77 -2.99 13.02 6.14
CA ILE A 77 -2.40 13.23 7.46
C ILE A 77 -1.00 13.82 7.31
N LEU A 78 -0.21 13.32 6.37
CA LEU A 78 1.11 13.89 6.13
C LEU A 78 1.00 15.31 5.57
N ASN A 79 0.02 15.54 4.70
CA ASN A 79 -0.15 16.88 4.13
C ASN A 79 -0.49 17.90 5.20
N GLN A 80 -1.57 17.64 5.97
CA GLN A 80 -1.94 18.57 7.03
C GLN A 80 -0.82 18.74 8.04
N LEU A 81 0.10 17.78 8.13
CA LEU A 81 1.28 17.93 8.97
C LEU A 81 2.36 18.78 8.31
N CYS A 82 2.37 18.83 6.97
CA CYS A 82 3.32 19.64 6.23
C CYS A 82 2.82 21.05 5.93
N LYS A 83 1.51 21.29 6.08
CA LYS A 83 0.98 22.62 5.84
C LYS A 83 1.34 23.60 6.96
N ARG A 84 1.74 23.10 8.13
CA ARG A 84 2.25 23.94 9.21
C ARG A 84 3.57 24.54 8.75
N GLN A 132 2.63 21.15 -15.29
CA GLN A 132 1.88 20.78 -14.10
C GLN A 132 0.61 21.60 -13.89
N ILE A 133 -0.34 21.06 -13.13
CA ILE A 133 -1.59 21.75 -12.83
C ILE A 133 -1.76 21.94 -11.33
N TYR A 134 -2.10 23.16 -10.90
CA TYR A 134 -2.29 23.45 -9.48
C TYR A 134 -3.75 23.21 -9.12
N LEU A 135 -3.96 22.60 -7.96
CA LEU A 135 -5.26 22.10 -7.58
C LEU A 135 -5.38 22.08 -6.06
N THR A 136 -6.60 22.30 -5.57
CA THR A 136 -6.88 22.12 -4.15
C THR A 136 -6.94 20.64 -3.82
N ASP A 137 -6.49 20.30 -2.60
CA ASP A 137 -6.44 18.93 -2.14
C ASP A 137 -7.67 18.52 -1.34
N SER A 138 -8.63 19.42 -1.16
CA SER A 138 -9.89 19.09 -0.49
C SER A 138 -10.83 18.55 -1.56
N PHE A 139 -10.94 17.22 -1.62
CA PHE A 139 -11.67 16.59 -2.71
C PHE A 139 -13.19 16.71 -2.57
N GLU A 140 -13.68 17.22 -1.45
CA GLU A 140 -15.11 17.45 -1.29
C GLU A 140 -15.64 18.50 -2.26
N ASN A 141 -14.76 19.26 -2.92
CA ASN A 141 -15.19 20.30 -3.86
C ASN A 141 -15.25 19.82 -5.30
N TYR A 142 -14.56 18.74 -5.63
CA TYR A 142 -14.55 18.25 -7.01
C TYR A 142 -15.97 17.86 -7.44
N TYR A 143 -16.20 17.90 -8.75
CA TYR A 143 -17.51 17.58 -9.30
C TYR A 143 -17.36 17.28 -10.78
N LEU A 144 -18.24 16.43 -11.29
CA LEU A 144 -18.25 16.10 -12.71
C LEU A 144 -18.77 17.29 -13.50
N ALA A 145 -17.90 17.88 -14.33
CA ALA A 145 -18.34 18.92 -15.25
C ALA A 145 -19.52 18.44 -16.09
N SER A 146 -19.54 17.14 -16.41
CA SER A 146 -20.54 16.58 -17.30
C SER A 146 -20.55 15.08 -17.13
N LEU A 147 -21.73 14.48 -17.31
CA LEU A 147 -21.81 13.03 -17.32
C LEU A 147 -21.07 12.48 -18.53
N PRO A 148 -20.55 11.25 -18.44
CA PRO A 148 -19.87 10.68 -19.60
C PRO A 148 -20.78 10.67 -20.81
N THR A 149 -20.20 10.97 -21.97
CA THR A 149 -20.95 11.04 -23.22
C THR A 149 -21.88 9.85 -23.36
N ASN A 150 -23.11 10.13 -23.76
CA ASN A 150 -24.16 9.14 -24.07
C ASN A 150 -24.79 8.52 -22.83
N TYR A 151 -24.51 9.03 -21.63
CA TYR A 151 -25.22 8.61 -20.42
C TYR A 151 -26.32 9.61 -20.10
N GLN A 152 -27.47 9.10 -19.66
CA GLN A 152 -28.64 9.92 -19.37
C GLN A 152 -29.17 9.57 -17.99
N LEU A 153 -29.39 10.59 -17.16
CA LEU A 153 -29.89 10.42 -15.81
C LEU A 153 -31.41 10.57 -15.77
N TYR A 154 -32.03 9.88 -14.82
CA TYR A 154 -33.48 9.87 -14.69
C TYR A 154 -33.87 9.79 -13.23
N GLN A 155 -35.04 10.33 -12.92
CA GLN A 155 -35.72 10.08 -11.65
C GLN A 155 -36.85 9.09 -11.88
N ARG A 156 -36.88 8.02 -11.06
CA ARG A 156 -37.92 7.01 -11.17
C ARG A 156 -38.70 6.95 -9.86
N ASP A 157 -40.03 6.99 -9.97
CA ASP A 157 -40.90 6.81 -8.82
C ASP A 157 -41.01 5.33 -8.48
N SER A 158 -41.14 5.04 -7.19
CA SER A 158 -41.30 3.66 -6.75
C SER A 158 -42.60 3.09 -7.33
N GLY A 163 -45.00 -1.43 -3.33
CA GLY A 163 -44.82 0.00 -3.35
C GLY A 163 -43.97 0.48 -2.20
N ASN A 164 -42.79 1.03 -2.50
CA ASN A 164 -41.90 1.50 -1.46
C ASN A 164 -41.84 3.00 -1.29
N GLY A 165 -42.19 3.72 -2.33
CA GLY A 165 -42.20 5.16 -2.27
C GLY A 165 -40.93 5.93 -2.55
N LYS A 166 -39.82 5.51 -1.98
CA LYS A 166 -38.56 6.24 -2.14
C LYS A 166 -38.21 6.39 -3.62
N ARG A 167 -37.66 7.56 -3.97
CA ARG A 167 -37.25 7.84 -5.33
C ARG A 167 -35.91 7.19 -5.64
N GLU A 168 -35.75 6.76 -6.89
CA GLU A 168 -34.51 6.21 -7.38
C GLU A 168 -34.04 7.00 -8.59
N PHE A 169 -32.72 7.14 -8.72
CA PHE A 169 -32.11 7.90 -9.81
C PHE A 169 -31.34 6.93 -10.70
N TRP A 170 -31.87 6.68 -11.89
CA TRP A 170 -31.32 5.68 -12.81
C TRP A 170 -30.49 6.35 -13.88
N LEU A 171 -29.32 5.76 -14.17
CA LEU A 171 -28.43 6.24 -15.22
C LEU A 171 -28.34 5.17 -16.31
N TYR A 172 -28.88 5.47 -17.48
CA TYR A 172 -28.76 4.60 -18.64
C TYR A 172 -27.55 4.99 -19.47
N GLY A 173 -27.14 4.08 -20.36
CA GLY A 173 -26.00 4.31 -21.22
C GLY A 173 -25.07 3.12 -21.32
N HIS A 174 -25.10 2.27 -20.29
CA HIS A 174 -24.19 1.13 -20.27
C HIS A 174 -24.48 0.20 -21.45
N PRO A 175 -23.46 -0.35 -22.11
CA PRO A 175 -23.71 -1.17 -23.31
C PRO A 175 -24.68 -2.32 -23.08
N SER A 176 -24.79 -2.85 -21.86
CA SER A 176 -25.70 -3.95 -21.60
C SER A 176 -27.17 -3.56 -21.77
N GLY A 177 -27.47 -2.26 -21.87
CA GLY A 177 -28.83 -1.80 -21.93
C GLY A 177 -29.50 -1.63 -20.59
N ARG A 178 -28.80 -1.89 -19.49
CA ARG A 178 -29.39 -1.82 -18.16
C ARG A 178 -28.96 -0.53 -17.45
N PRO A 179 -29.80 0.00 -16.57
CA PRO A 179 -29.44 1.20 -15.84
C PRO A 179 -28.61 0.92 -14.60
N PHE A 180 -27.83 1.91 -14.19
CA PHE A 180 -27.28 1.97 -12.84
C PHE A 180 -28.34 2.60 -11.96
N ARG A 181 -28.90 1.82 -11.03
CA ARG A 181 -30.04 2.28 -10.24
C ARG A 181 -29.64 3.10 -9.03
N SER A 182 -28.34 3.26 -8.78
CA SER A 182 -27.86 4.14 -7.73
C SER A 182 -26.56 4.77 -8.19
N VAL A 183 -26.26 5.96 -7.63
CA VAL A 183 -24.98 6.61 -7.93
C VAL A 183 -23.83 5.73 -7.47
N ASN A 184 -24.05 4.93 -6.43
CA ASN A 184 -22.99 4.08 -5.90
C ASN A 184 -22.62 2.97 -6.88
N ASP A 185 -23.60 2.43 -7.59
CA ASP A 185 -23.31 1.38 -8.56
C ASP A 185 -22.60 1.94 -9.79
N PHE A 186 -23.01 3.14 -10.24
CA PHE A 186 -22.35 3.76 -11.38
C PHE A 186 -20.89 4.09 -11.07
N LEU A 187 -20.59 4.43 -9.81
CA LEU A 187 -19.26 4.93 -9.49
C LEU A 187 -18.18 3.93 -9.89
N HIS A 188 -18.42 2.64 -9.69
CA HIS A 188 -17.40 1.65 -10.03
C HIS A 188 -17.14 1.63 -11.53
N HIS A 189 -18.19 1.76 -12.34
CA HIS A 189 -18.00 1.87 -13.78
C HIS A 189 -17.33 3.19 -14.14
N LEU A 190 -17.75 4.28 -13.49
CA LEU A 190 -17.10 5.57 -13.72
C LEU A 190 -15.60 5.48 -13.43
N TYR A 191 -15.23 4.83 -12.32
CA TYR A 191 -13.83 4.71 -11.95
C TYR A 191 -13.06 3.87 -12.97
N TRP A 192 -13.72 2.85 -13.54
CA TRP A 192 -13.08 2.04 -14.58
C TRP A 192 -12.87 2.86 -15.84
N LEU A 193 -13.80 3.75 -16.17
CA LEU A 193 -13.69 4.55 -17.39
C LEU A 193 -12.46 5.45 -17.36
N ILE A 194 -12.12 5.98 -16.19
CA ILE A 194 -10.99 6.91 -16.10
C ILE A 194 -9.69 6.22 -15.73
N SER A 195 -9.74 4.99 -15.22
CA SER A 195 -8.54 4.30 -14.73
C SER A 195 -8.00 3.27 -15.72
N ASP A 196 -8.85 2.40 -16.26
CA ASP A 196 -8.39 1.32 -17.12
C ASP A 196 -7.98 1.89 -18.47
N LEU A 197 -6.66 2.04 -18.67
CA LEU A 197 -6.15 2.62 -19.90
C LEU A 197 -6.30 1.68 -21.10
N THR A 198 -6.45 0.38 -20.85
CA THR A 198 -6.66 -0.58 -21.92
C THR A 198 -8.13 -0.74 -22.30
N ARG A 199 -9.03 -0.09 -21.56
CA ARG A 199 -10.48 -0.16 -21.85
C ARG A 199 -10.94 -1.61 -21.92
N ASN A 200 -10.37 -2.45 -21.08
CA ASN A 200 -10.72 -3.87 -21.00
C ASN A 200 -11.91 -4.02 -20.07
N GLU A 201 -13.02 -4.52 -20.60
CA GLU A 201 -14.26 -4.62 -19.83
C GLU A 201 -14.15 -5.60 -18.66
N SER A 202 -13.13 -6.47 -18.66
CA SER A 202 -13.02 -7.50 -17.63
C SER A 202 -12.43 -6.98 -16.33
N THR A 203 -11.88 -5.77 -16.31
CA THR A 203 -11.24 -5.22 -15.13
C THR A 203 -12.16 -4.31 -14.32
N CYS A 204 -13.42 -4.18 -14.72
CA CYS A 204 -14.37 -3.33 -14.00
C CYS A 204 -15.08 -4.12 -12.92
N CYS A 205 -15.26 -3.49 -11.76
CA CYS A 205 -15.93 -4.12 -10.62
C CYS A 205 -17.42 -3.81 -10.56
N CYS A 206 -17.95 -3.02 -11.49
CA CYS A 206 -19.33 -2.58 -11.38
C CYS A 206 -20.29 -3.74 -11.61
N VAL A 207 -21.54 -3.55 -11.19
CA VAL A 207 -22.51 -4.64 -11.19
C VAL A 207 -22.85 -5.07 -12.61
N LEU A 208 -22.84 -4.13 -13.57
CA LEU A 208 -23.31 -4.44 -14.91
C LEU A 208 -22.23 -5.14 -15.75
N CYS A 209 -20.96 -4.93 -15.43
CA CYS A 209 -19.89 -5.66 -16.10
C CYS A 209 -19.52 -6.95 -15.40
N SER A 210 -19.73 -7.04 -14.09
CA SER A 210 -19.28 -8.17 -13.30
C SER A 210 -20.40 -9.06 -12.78
N GLY A 211 -21.64 -8.57 -12.74
CA GLY A 211 -22.73 -9.35 -12.19
C GLY A 211 -22.42 -9.91 -10.81
N ASN A 212 -22.43 -11.24 -10.70
CA ASN A 212 -22.27 -11.88 -9.39
C ASN A 212 -20.84 -11.79 -8.86
N MET A 213 -19.86 -11.53 -9.71
CA MET A 213 -18.48 -11.38 -9.26
C MET A 213 -18.19 -9.99 -8.71
N THR A 214 -19.21 -9.15 -8.54
CA THR A 214 -18.97 -7.75 -8.20
C THR A 214 -18.40 -7.60 -6.80
N ARG A 215 -18.93 -8.34 -5.82
CA ARG A 215 -18.40 -8.24 -4.46
C ARG A 215 -16.96 -8.71 -4.40
N VAL A 216 -16.67 -9.85 -5.04
CA VAL A 216 -15.31 -10.39 -5.05
C VAL A 216 -14.35 -9.39 -5.66
N ARG A 217 -14.71 -8.84 -6.82
CA ARG A 217 -13.84 -7.87 -7.48
C ARG A 217 -13.69 -6.61 -6.65
N LYS A 218 -14.79 -6.09 -6.12
CA LYS A 218 -14.73 -4.91 -5.27
C LYS A 218 -13.79 -5.14 -4.08
N ASN A 219 -13.93 -6.28 -3.40
CA ASN A 219 -13.09 -6.55 -2.23
C ASN A 219 -11.62 -6.59 -2.61
N LEU A 220 -11.29 -7.31 -3.69
CA LEU A 220 -9.89 -7.40 -4.09
C LEU A 220 -9.32 -6.03 -4.42
N GLN A 221 -10.05 -5.23 -5.18
CA GLN A 221 -9.62 -3.86 -5.48
C GLN A 221 -9.32 -3.11 -4.19
N LYS A 222 -10.23 -3.17 -3.22
CA LYS A 222 -10.04 -2.49 -1.95
C LYS A 222 -8.77 -2.98 -1.25
N GLU A 223 -8.56 -4.29 -1.25
CA GLU A 223 -7.38 -4.86 -0.63
C GLU A 223 -6.13 -4.34 -1.33
N ASN A 224 -6.17 -4.28 -2.66
CA ASN A 224 -5.02 -3.82 -3.43
C ASN A 224 -4.74 -2.35 -3.16
N GLU A 225 -5.79 -1.52 -3.06
CA GLU A 225 -5.59 -0.12 -2.74
C GLU A 225 -4.94 0.04 -1.37
N ARG A 226 -5.38 -0.75 -0.41
CA ARG A 226 -4.79 -0.68 0.91
C ARG A 226 -3.35 -1.18 0.89
N MET A 227 -3.07 -2.19 0.09
CA MET A 227 -1.71 -2.70 0.02
C MET A 227 -0.79 -1.63 -0.52
N PHE A 228 -1.22 -0.92 -1.55
CA PHE A 228 -0.41 0.15 -2.10
C PHE A 228 -0.05 1.17 -1.03
N HIS A 229 -1.04 1.58 -0.23
CA HIS A 229 -0.79 2.59 0.78
C HIS A 229 -0.02 2.03 1.97
N GLU A 230 -0.19 0.75 2.27
CA GLU A 230 0.69 0.11 3.25
C GLU A 230 2.14 0.12 2.77
N CYS A 231 2.34 -0.16 1.48
CA CYS A 231 3.67 -0.08 0.89
C CYS A 231 4.22 1.34 0.96
N LYS A 232 3.44 2.31 0.48
CA LYS A 232 3.87 3.69 0.49
C LYS A 232 4.22 4.15 1.91
N ASP A 233 3.42 3.76 2.90
CA ASP A 233 3.70 4.18 4.27
C ASP A 233 4.96 3.51 4.81
N ASP A 234 5.19 2.25 4.46
CA ASP A 234 6.36 1.54 4.97
C ASP A 234 7.65 1.98 4.29
N THR A 235 7.58 2.69 3.15
CA THR A 235 8.76 3.11 2.43
C THR A 235 8.83 4.60 2.16
N TYR A 236 7.74 5.35 2.32
CA TYR A 236 7.72 6.77 1.98
C TYR A 236 7.12 7.62 3.09
N THR A 237 5.92 7.27 3.54
CA THR A 237 5.18 8.15 4.44
C THR A 237 5.65 8.01 5.89
N TRP A 238 5.59 6.80 6.44
CA TRP A 238 5.99 6.53 7.82
C TRP A 238 6.94 5.35 7.85
N PRO A 239 8.10 5.46 7.19
CA PRO A 239 8.95 4.29 7.00
C PRO A 239 9.69 3.83 8.24
N SER A 240 10.06 4.74 9.15
CA SER A 240 10.83 4.37 10.33
C SER A 240 9.86 3.82 11.36
N SER A 241 9.56 2.53 11.26
CA SER A 241 8.45 1.95 12.00
C SER A 241 8.52 0.43 11.89
N TYR A 242 7.73 -0.24 12.71
CA TYR A 242 7.52 -1.68 12.60
C TYR A 242 6.30 -1.95 11.73
N ARG A 243 6.29 -3.14 11.12
CA ARG A 243 5.39 -3.42 10.02
C ARG A 243 4.41 -4.54 10.39
N LEU A 244 3.22 -4.45 9.81
CA LEU A 244 2.15 -5.38 10.11
C LEU A 244 2.57 -6.80 9.77
N GLY A 245 2.47 -7.69 10.76
CA GLY A 245 2.83 -9.09 10.58
C GLY A 245 4.24 -9.44 10.98
N GLU A 246 5.06 -8.46 11.37
CA GLU A 246 6.43 -8.75 11.75
C GLU A 246 6.50 -9.35 13.16
N VAL A 247 7.51 -10.20 13.36
CA VAL A 247 7.81 -10.78 14.66
C VAL A 247 8.89 -9.93 15.31
N VAL A 248 8.62 -9.45 16.53
CA VAL A 248 9.47 -8.48 17.19
C VAL A 248 9.70 -8.92 18.64
N TRP A 249 10.53 -8.17 19.34
CA TRP A 249 10.72 -8.31 20.78
C TRP A 249 10.00 -7.17 21.49
N ILE A 250 9.19 -7.51 22.48
CA ILE A 250 8.53 -6.52 23.32
C ILE A 250 9.26 -6.43 24.64
N ASP A 251 9.40 -5.21 25.15
CA ASP A 251 10.08 -4.96 26.41
C ASP A 251 9.13 -4.20 27.33
N ILE A 252 8.49 -4.92 28.25
CA ILE A 252 7.57 -4.35 29.23
C ILE A 252 8.08 -4.75 30.61
N ASN A 253 8.16 -3.76 31.51
CA ASN A 253 8.61 -4.00 32.87
C ASN A 253 9.86 -4.87 32.89
N ASN A 254 10.79 -4.62 31.96
CA ASN A 254 12.06 -5.31 31.86
C ASN A 254 11.91 -6.76 31.41
N GLU A 255 10.80 -7.09 30.74
CA GLU A 255 10.56 -8.44 30.24
C GLU A 255 10.59 -8.44 28.72
N LEU A 256 11.42 -9.31 28.14
CA LEU A 256 11.50 -9.47 26.69
C LEU A 256 10.42 -10.47 26.27
N ILE A 257 9.40 -9.99 25.58
CA ILE A 257 8.23 -10.77 25.23
C ILE A 257 8.21 -10.96 23.71
N PRO A 258 8.17 -12.19 23.20
CA PRO A 258 8.02 -12.37 21.75
C PRO A 258 6.60 -12.00 21.31
N ALA A 259 6.49 -11.24 20.24
CA ALA A 259 5.21 -10.71 19.81
C ALA A 259 5.17 -10.59 18.29
N ILE A 260 3.96 -10.41 17.77
CA ILE A 260 3.75 -10.14 16.35
C ILE A 260 2.89 -8.89 16.23
N ILE A 261 3.28 -7.98 15.34
CA ILE A 261 2.48 -6.80 15.10
C ILE A 261 1.19 -7.22 14.41
N VAL A 262 0.05 -6.96 15.07
CA VAL A 262 -1.26 -7.24 14.49
C VAL A 262 -1.89 -6.00 13.88
N ALA A 263 -1.68 -4.82 14.46
CA ALA A 263 -2.35 -3.61 14.04
C ALA A 263 -1.48 -2.43 14.47
N ARG A 264 -1.82 -1.26 13.96
CA ARG A 264 -1.10 -0.04 14.29
C ARG A 264 -1.94 1.12 13.80
N ASN A 265 -1.77 2.28 14.43
CA ASN A 265 -2.55 3.45 14.07
C ASN A 265 -1.70 4.69 14.27
N LEU A 266 -1.95 5.70 13.45
CA LEU A 266 -1.26 6.97 13.60
C LEU A 266 -1.79 7.73 14.81
N ILE A 267 -0.91 8.44 15.48
CA ILE A 267 -1.26 9.19 16.68
C ILE A 267 -1.73 10.57 16.26
N ASN A 268 -2.93 10.95 16.70
CA ASN A 268 -3.50 12.24 16.34
C ASN A 268 -2.79 13.35 17.09
N TYR A 269 -2.17 14.28 16.34
CA TYR A 269 -1.58 15.47 16.92
C TYR A 269 -2.26 16.75 16.46
N VAL A 277 8.39 22.06 12.61
CA VAL A 277 9.57 21.27 12.24
C VAL A 277 9.70 20.06 13.15
N LYS A 278 9.75 20.31 14.46
CA LYS A 278 9.97 19.22 15.41
C LYS A 278 8.75 18.32 15.55
N LEU A 279 7.55 18.80 15.18
CA LEU A 279 6.41 17.91 15.09
C LEU A 279 6.63 16.86 14.01
N ILE A 280 7.24 17.25 12.89
CA ILE A 280 7.45 16.32 11.78
C ILE A 280 8.57 15.34 12.10
N SER A 281 9.53 15.72 12.95
CA SER A 281 10.63 14.83 13.28
C SER A 281 10.21 13.78 14.31
N ASP A 282 9.43 14.18 15.31
CA ASP A 282 8.94 13.21 16.29
C ASP A 282 7.98 12.22 15.64
N THR A 283 7.13 12.69 14.73
CA THR A 283 6.22 11.79 14.04
C THR A 283 6.99 10.80 13.17
N PHE A 284 8.09 11.25 12.56
CA PHE A 284 8.87 10.37 11.71
C PHE A 284 9.53 9.25 12.52
N VAL A 285 9.82 9.50 13.79
CA VAL A 285 10.46 8.51 14.65
C VAL A 285 9.43 7.61 15.32
N GLU A 286 8.33 8.19 15.81
CA GLU A 286 7.29 7.46 16.53
C GLU A 286 5.93 7.80 15.93
N PRO A 287 5.67 7.35 14.70
CA PRO A 287 4.37 7.66 14.07
C PRO A 287 3.22 6.79 14.55
N TYR A 288 3.49 5.64 15.15
CA TYR A 288 2.48 4.62 15.37
C TYR A 288 2.34 4.25 16.84
N GLN A 289 1.12 3.93 17.23
CA GLN A 289 0.88 2.99 18.32
C GLN A 289 0.86 1.60 17.73
N TYR A 290 1.53 0.66 18.40
CA TYR A 290 1.53 -0.73 17.97
C TYR A 290 0.69 -1.57 18.91
N HIS A 291 -0.05 -2.51 18.35
CA HIS A 291 -0.90 -3.43 19.11
C HIS A 291 -0.51 -4.84 18.71
N CYS A 292 -0.05 -5.62 19.67
CA CYS A 292 0.66 -6.86 19.39
C CYS A 292 -0.08 -8.05 19.97
N LYS A 293 0.41 -9.23 19.59
CA LYS A 293 -0.07 -10.51 20.08
C LYS A 293 1.14 -11.34 20.48
N GLN A 294 1.23 -11.67 21.77
CA GLN A 294 2.35 -12.50 22.22
C GLN A 294 2.30 -13.85 21.52
N LEU A 295 3.48 -14.37 21.21
CA LEU A 295 3.62 -15.64 20.51
C LEU A 295 3.96 -16.74 21.51
N GLY A 296 3.15 -17.80 21.53
CA GLY A 296 3.18 -18.77 22.59
C GLY A 296 2.24 -18.47 23.73
N ASN A 297 1.45 -17.40 23.62
CA ASN A 297 0.53 -16.98 24.66
C ASN A 297 -0.74 -16.48 24.00
N SER A 298 -1.78 -16.30 24.81
CA SER A 298 -3.03 -15.67 24.36
C SER A 298 -3.08 -14.20 24.73
N ARG A 299 -1.97 -13.62 25.18
CA ARG A 299 -1.98 -12.26 25.72
C ARG A 299 -1.94 -11.23 24.60
N TYR A 300 -2.80 -10.23 24.69
CA TYR A 300 -2.73 -9.05 23.84
C TYR A 300 -1.96 -7.96 24.59
N TYR A 301 -1.26 -7.12 23.83
CA TYR A 301 -0.55 -5.98 24.40
C TYR A 301 -0.81 -4.78 23.48
N PHE A 302 -1.67 -3.87 23.93
CA PHE A 302 -2.06 -2.73 23.14
C PHE A 302 -1.23 -1.50 23.50
N ASP A 303 -1.24 -0.51 22.61
CA ASP A 303 -0.61 0.78 22.84
C ASP A 303 0.87 0.62 23.17
N MET A 304 1.59 -0.03 22.26
CA MET A 304 3.03 -0.17 22.39
C MET A 304 3.73 0.93 21.59
N ALA A 305 4.83 1.43 22.13
CA ALA A 305 5.65 2.42 21.46
C ALA A 305 6.90 1.76 20.89
N ALA A 306 7.39 2.31 19.76
CA ALA A 306 8.57 1.75 19.14
C ALA A 306 9.75 1.70 20.10
N ALA A 307 9.83 2.66 21.03
CA ALA A 307 10.90 2.67 22.01
C ALA A 307 10.92 1.41 22.87
N ASP A 308 9.80 0.68 22.93
CA ASP A 308 9.70 -0.54 23.72
C ASP A 308 9.65 -1.78 22.84
N ILE A 309 10.05 -1.65 21.57
CA ILE A 309 10.08 -2.76 20.63
C ILE A 309 11.44 -2.80 19.97
N GLU A 310 11.98 -4.01 19.79
CA GLU A 310 13.25 -4.20 19.13
C GLU A 310 13.11 -5.25 18.03
N PRO A 311 13.86 -5.11 16.93
CA PRO A 311 13.76 -6.10 15.86
C PRO A 311 14.16 -7.48 16.35
N TRP A 312 13.55 -8.50 15.73
CA TRP A 312 13.77 -9.88 16.15
C TRP A 312 15.26 -10.23 16.17
N SER A 313 16.04 -9.66 15.27
CA SER A 313 17.46 -10.01 15.16
C SER A 313 18.31 -9.35 16.23
N ARG A 314 17.71 -8.61 17.17
CA ARG A 314 18.51 -7.93 18.20
C ARG A 314 18.87 -8.89 19.33
N HIS A 315 17.95 -9.75 19.74
CA HIS A 315 18.19 -10.68 20.84
C HIS A 315 17.99 -12.11 20.38
N PRO A 316 18.63 -13.08 21.03
CA PRO A 316 18.44 -14.48 20.65
C PRO A 316 17.20 -15.07 21.26
N LEU A 317 16.65 -16.08 20.58
CA LEU A 317 15.57 -16.87 21.15
C LEU A 317 16.16 -18.09 21.86
N ASP A 318 15.42 -18.60 22.83
CA ASP A 318 15.89 -19.67 23.70
C ASP A 318 15.33 -21.00 23.19
N LEU A 319 16.22 -21.97 23.00
CA LEU A 319 15.83 -23.25 22.44
C LEU A 319 15.02 -24.08 23.43
N GLN A 320 15.35 -23.97 24.72
CA GLN A 320 14.69 -24.75 25.76
C GLN A 320 13.45 -24.07 26.33
N LYS A 321 13.19 -22.82 25.96
CA LYS A 321 12.00 -22.11 26.45
C LYS A 321 10.86 -22.44 25.50
N GLN A 322 10.00 -23.36 25.92
CA GLN A 322 9.02 -23.98 25.03
C GLN A 322 8.18 -22.94 24.30
N GLU A 323 7.75 -21.88 25.01
CA GLU A 323 6.84 -20.92 24.39
C GLU A 323 7.54 -20.06 23.34
N HIS A 324 8.88 -20.04 23.30
CA HIS A 324 9.59 -19.34 22.25
C HIS A 324 9.51 -20.05 20.90
N LEU A 325 8.96 -21.26 20.85
CA LEU A 325 9.03 -22.08 19.65
C LEU A 325 8.02 -21.65 18.59
N VAL A 326 6.99 -20.88 18.96
CA VAL A 326 6.10 -20.31 17.95
C VAL A 326 6.82 -19.21 17.18
N ALA A 327 7.56 -18.36 17.88
CA ALA A 327 8.31 -17.31 17.22
C ALA A 327 9.46 -17.89 16.40
N HIS A 328 10.09 -18.97 16.89
CA HIS A 328 11.13 -19.63 16.13
C HIS A 328 10.59 -20.22 14.84
N SER A 329 9.39 -20.79 14.88
CA SER A 329 8.82 -21.43 13.70
C SER A 329 8.44 -20.40 12.64
N ILE A 330 7.89 -19.26 13.06
CA ILE A 330 7.46 -18.24 12.11
C ILE A 330 8.66 -17.60 11.43
N CYS A 331 9.72 -17.34 12.21
CA CYS A 331 10.89 -16.63 11.70
C CYS A 331 11.80 -17.50 10.86
N GLN A 332 11.36 -18.72 10.51
CA GLN A 332 12.04 -19.54 9.51
C GLN A 332 11.30 -19.57 8.18
N THR A 333 10.15 -18.90 8.10
CA THR A 333 9.32 -18.95 6.90
C THR A 333 9.55 -17.72 6.03
N TRP A 334 8.95 -17.75 4.84
CA TRP A 334 8.89 -16.58 3.97
C TRP A 334 7.74 -16.80 3.00
N ASN A 335 7.13 -15.69 2.56
CA ASN A 335 6.02 -15.77 1.62
C ASN A 335 5.93 -14.50 0.80
N LEU A 336 5.83 -14.65 -0.52
CA LEU A 336 5.56 -13.53 -1.40
C LEU A 336 4.10 -13.10 -1.26
N PHE A 337 3.84 -11.83 -1.56
CA PHE A 337 2.47 -11.33 -1.56
C PHE A 337 2.38 -10.11 -2.48
N GLY A 338 1.16 -9.83 -2.93
CA GLY A 338 0.90 -8.64 -3.70
C GLY A 338 1.37 -8.70 -5.14
N ILE A 339 0.92 -9.72 -5.88
CA ILE A 339 1.28 -9.82 -7.28
C ILE A 339 0.64 -8.69 -8.05
N PHE A 340 1.36 -8.17 -9.05
CA PHE A 340 0.85 -7.07 -9.86
C PHE A 340 1.54 -7.11 -11.22
N GLN A 341 0.98 -6.34 -12.15
CA GLN A 341 1.56 -6.21 -13.48
C GLN A 341 2.30 -4.89 -13.57
N PRO A 342 3.62 -4.87 -13.74
CA PRO A 342 4.32 -3.59 -13.93
C PRO A 342 3.70 -2.81 -15.08
N LEU A 343 3.80 -1.49 -14.98
CA LEU A 343 3.24 -0.61 -16.00
C LEU A 343 4.24 -0.35 -17.11
N GLU A 344 3.73 -0.23 -18.33
CA GLU A 344 4.57 0.15 -19.46
C GLU A 344 4.88 1.64 -19.38
N GLY A 345 6.03 2.01 -19.94
CA GLY A 345 6.48 3.39 -19.86
C GLY A 345 5.52 4.38 -20.50
N ILE A 346 4.74 3.92 -21.48
CA ILE A 346 3.81 4.81 -22.16
C ILE A 346 2.60 5.14 -21.31
N ASP A 347 2.34 4.34 -20.27
CA ASP A 347 1.21 4.58 -19.36
C ASP A 347 1.63 5.33 -18.11
N MET A 348 2.80 5.96 -18.12
CA MET A 348 3.31 6.69 -16.97
C MET A 348 3.74 8.08 -17.41
N GLU A 349 3.92 8.97 -16.43
CA GLU A 349 4.24 10.36 -16.73
C GLU A 349 4.73 11.03 -15.45
N GLU A 350 5.18 12.27 -15.58
CA GLU A 350 5.55 13.05 -14.42
C GLU A 350 4.30 13.53 -13.69
N PRO A 351 4.37 13.73 -12.38
CA PRO A 351 3.19 14.22 -11.64
C PRO A 351 2.60 15.45 -12.31
N LYS A 352 1.30 15.39 -12.57
CA LYS A 352 0.61 16.45 -13.30
C LYS A 352 -0.22 17.36 -12.40
N PHE A 353 -0.72 16.84 -11.28
CA PHE A 353 -1.57 17.61 -10.37
C PHE A 353 -0.84 17.82 -9.05
N HIS A 354 -0.83 19.06 -8.58
CA HIS A 354 -0.15 19.42 -7.34
C HIS A 354 -1.07 20.26 -6.48
N ASP A 355 -0.68 20.42 -5.21
CA ASP A 355 -1.46 21.22 -4.27
C ASP A 355 -1.30 22.70 -4.61
N GLU A 356 -2.43 23.40 -4.80
CA GLU A 356 -2.37 24.78 -5.24
C GLU A 356 -1.81 25.70 -4.18
N ASN A 357 -1.98 25.36 -2.89
CA ASN A 357 -1.51 26.22 -1.81
C ASN A 357 -0.13 25.85 -1.30
N TYR A 358 0.38 24.66 -1.61
CA TYR A 358 1.67 24.23 -1.12
C TYR A 358 2.51 23.47 -2.14
N SER A 359 1.98 23.19 -3.33
CA SER A 359 2.73 22.51 -4.39
C SER A 359 3.13 21.09 -3.99
N ILE A 360 2.37 20.47 -3.10
CA ILE A 360 2.58 19.05 -2.79
C ILE A 360 2.09 18.22 -3.97
N PRO A 361 2.83 17.20 -4.42
CA PRO A 361 2.35 16.40 -5.56
C PRO A 361 1.27 15.43 -5.12
N LEU A 362 0.16 15.41 -5.87
CA LEU A 362 -0.94 14.52 -5.53
C LEU A 362 -0.52 13.06 -5.72
N THR A 363 -1.03 12.20 -4.84
CA THR A 363 -0.79 10.76 -4.93
C THR A 363 -1.83 10.15 -5.85
N VAL A 364 -1.38 9.56 -6.95
CA VAL A 364 -2.27 8.97 -7.94
C VAL A 364 -2.33 7.46 -7.72
N LEU A 365 -3.53 6.94 -7.58
CA LEU A 365 -3.72 5.53 -7.25
C LEU A 365 -3.48 4.68 -8.49
N PRO A 366 -2.48 3.81 -8.49
CA PRO A 366 -2.26 2.95 -9.66
C PRO A 366 -3.23 1.77 -9.67
N THR A 367 -3.61 1.37 -10.88
CA THR A 367 -4.43 0.18 -11.10
C THR A 367 -3.57 -0.80 -11.92
N PHE A 368 -2.88 -1.70 -11.20
CA PHE A 368 -1.94 -2.60 -11.87
C PHE A 368 -2.67 -3.71 -12.62
N GLY A 369 -3.78 -4.19 -12.09
CA GLY A 369 -4.50 -5.31 -12.67
C GLY A 369 -4.63 -5.22 -14.17
N GLY A 370 -4.08 -6.20 -14.88
CA GLY A 370 -4.12 -6.22 -16.32
C GLY A 370 -3.69 -7.55 -16.91
N GLU A 371 -3.19 -7.52 -18.15
CA GLU A 371 -2.77 -8.73 -18.85
C GLU A 371 -1.35 -8.51 -19.36
N SER A 372 -0.49 -9.52 -19.19
CA SER A 372 0.86 -9.47 -19.71
C SER A 372 1.27 -10.87 -20.17
N SER A 374 4.35 -11.70 -20.07
CA SER A 374 5.68 -11.85 -19.50
C SER A 374 5.79 -13.14 -18.69
N LEU A 375 7.01 -13.66 -18.63
CA LEU A 375 7.32 -14.86 -17.86
C LEU A 375 7.74 -14.54 -16.44
N ASP A 376 7.84 -13.27 -16.07
CA ASP A 376 8.19 -12.86 -14.72
C ASP A 376 6.95 -12.41 -13.96
N ASP A 377 6.73 -13.01 -12.80
CA ASP A 377 5.72 -12.53 -11.87
C ASP A 377 6.36 -11.55 -10.91
N HIS A 378 5.73 -10.39 -10.74
CA HIS A 378 6.24 -9.33 -9.88
C HIS A 378 5.36 -9.19 -8.64
N PHE A 379 5.98 -8.79 -7.54
CA PHE A 379 5.33 -8.83 -6.24
C PHE A 379 5.64 -7.56 -5.45
N TYR A 380 4.61 -7.06 -4.75
CA TYR A 380 4.78 -5.86 -3.93
C TYR A 380 5.82 -6.09 -2.84
N GLY A 381 5.85 -7.27 -2.24
CA GLY A 381 6.70 -7.47 -1.09
C GLY A 381 6.83 -8.94 -0.75
N ILE A 382 7.54 -9.18 0.35
CA ILE A 382 7.89 -10.54 0.78
C ILE A 382 8.20 -10.51 2.27
N PHE A 383 7.64 -11.45 3.02
CA PHE A 383 8.06 -11.66 4.40
C PHE A 383 9.34 -12.48 4.39
N ARG A 384 10.39 -11.95 5.00
CA ARG A 384 11.63 -12.69 5.20
C ARG A 384 11.75 -12.99 6.69
N GLY A 385 11.34 -14.19 7.08
CA GLY A 385 11.37 -14.56 8.49
C GLY A 385 10.58 -13.59 9.34
N ALA A 386 11.28 -12.84 10.18
CA ALA A 386 10.63 -11.93 11.12
C ALA A 386 10.22 -10.61 10.49
N GLU A 387 10.81 -10.24 9.35
CA GLU A 387 10.68 -8.89 8.80
C GLU A 387 9.86 -8.90 7.52
N LYS A 388 9.24 -7.75 7.25
CA LYS A 388 8.49 -7.51 6.03
C LYS A 388 9.32 -6.65 5.09
N LEU A 389 9.33 -7.00 3.80
CA LEU A 389 10.10 -6.27 2.81
C LEU A 389 9.22 -5.88 1.65
N TRP A 390 9.52 -4.73 1.04
CA TRP A 390 8.71 -4.15 0.00
C TRP A 390 9.57 -3.70 -1.18
N ILE A 391 8.89 -3.45 -2.29
CA ILE A 391 9.46 -2.62 -3.33
C ILE A 391 9.53 -1.18 -2.81
N ASN A 392 10.56 -0.45 -3.23
CA ASN A 392 10.84 0.91 -2.78
C ASN A 392 11.44 0.92 -1.38
N ASP A 393 11.76 -0.26 -0.84
CA ASP A 393 12.29 -0.41 0.51
C ASP A 393 13.81 -0.44 0.49
N LEU A 394 14.40 -0.44 1.68
CA LEU A 394 15.85 -0.52 1.86
C LEU A 394 16.17 -1.81 2.59
N CYS A 395 17.09 -2.62 2.03
CA CYS A 395 17.42 -3.91 2.60
C CYS A 395 18.94 -4.11 2.57
N VAL A 396 19.42 -4.91 3.51
CA VAL A 396 20.83 -5.30 3.57
C VAL A 396 21.02 -6.55 2.73
N ILE A 397 22.15 -6.61 2.02
CA ILE A 397 22.48 -7.76 1.19
C ILE A 397 23.91 -8.20 1.49
N SER A 398 24.18 -9.47 1.19
CA SER A 398 25.54 -9.98 1.30
C SER A 398 26.47 -9.22 0.36
N THR A 399 27.61 -8.77 0.89
CA THR A 399 28.64 -8.13 0.09
C THR A 399 29.78 -9.07 -0.27
N SER A 400 29.73 -10.31 0.20
CA SER A 400 30.82 -11.26 -0.03
C SER A 400 31.13 -11.40 -1.51
N SER A 401 30.22 -12.01 -2.28
CA SER A 401 30.41 -12.21 -3.71
C SER A 401 29.90 -10.95 -4.42
N LEU A 402 30.81 -10.01 -4.66
CA LEU A 402 30.45 -8.69 -5.14
C LEU A 402 31.73 -7.91 -5.46
N PRO A 403 31.84 -7.28 -6.64
CA PRO A 403 33.11 -6.66 -7.02
C PRO A 403 33.66 -5.69 -5.98
N SER A 404 34.98 -5.44 -6.05
CA SER A 404 35.62 -4.55 -5.09
C SER A 404 35.00 -3.16 -5.09
N VAL A 405 34.43 -2.74 -6.23
CA VAL A 405 33.88 -1.40 -6.34
C VAL A 405 32.61 -1.23 -5.52
N LEU A 406 31.95 -2.33 -5.14
CA LEU A 406 30.64 -2.27 -4.51
C LEU A 406 30.63 -2.80 -3.08
N GLN A 407 31.78 -3.11 -2.50
CA GLN A 407 31.80 -3.73 -1.17
C GLN A 407 31.52 -2.72 -0.06
N LYS A 408 31.55 -1.42 -0.35
CA LYS A 408 31.04 -0.43 0.58
C LYS A 408 29.52 -0.38 0.64
N THR A 409 28.84 -1.34 0.00
CA THR A 409 27.39 -1.32 -0.07
C THR A 409 26.79 -1.48 1.32
N SER A 410 26.01 -0.50 1.75
CA SER A 410 25.30 -0.58 3.03
C SER A 410 23.91 -1.17 2.86
N PHE A 411 23.22 -0.84 1.77
CA PHE A 411 21.87 -1.35 1.54
C PHE A 411 21.55 -1.26 0.05
N MET A 412 20.57 -2.06 -0.36
CA MET A 412 19.97 -1.94 -1.68
C MET A 412 18.68 -1.16 -1.57
N TYR A 413 18.50 -0.19 -2.47
CA TYR A 413 17.23 0.53 -2.62
C TYR A 413 16.41 -0.24 -3.64
N ILE A 414 15.42 -0.99 -3.16
CA ILE A 414 14.75 -1.99 -3.98
C ILE A 414 13.87 -1.30 -5.02
N SER A 415 14.04 -1.70 -6.28
CA SER A 415 13.21 -1.21 -7.38
C SER A 415 12.12 -2.20 -7.78
N ASP A 416 12.39 -3.49 -7.66
CA ASP A 416 11.51 -4.50 -8.23
C ASP A 416 11.77 -5.82 -7.52
N ILE A 417 10.70 -6.57 -7.26
CA ILE A 417 10.78 -7.91 -6.68
C ILE A 417 9.97 -8.83 -7.59
N TYR A 418 10.61 -9.88 -8.11
CA TYR A 418 9.97 -10.72 -9.09
C TYR A 418 10.55 -12.12 -9.06
N VAL A 419 9.78 -13.07 -9.57
CA VAL A 419 10.22 -14.44 -9.77
C VAL A 419 10.61 -14.59 -11.23
N ASN A 420 11.89 -14.86 -11.50
CA ASN A 420 12.36 -14.97 -12.86
C ASN A 420 11.85 -16.28 -13.45
N GLU A 421 12.31 -16.61 -14.66
CA GLU A 421 11.84 -17.80 -15.35
C GLU A 421 12.51 -19.07 -14.84
N ASP A 422 13.53 -18.97 -14.00
CA ASP A 422 14.05 -20.10 -13.25
C ASP A 422 13.38 -20.28 -11.91
N ASP A 423 12.25 -19.59 -11.67
CA ASP A 423 11.48 -19.67 -10.44
C ASP A 423 12.22 -19.09 -9.23
N ILE A 424 13.22 -18.25 -9.45
CA ILE A 424 14.03 -17.69 -8.38
C ILE A 424 13.52 -16.30 -8.05
N VAL A 425 13.35 -16.02 -6.75
CA VAL A 425 12.97 -14.68 -6.31
C VAL A 425 14.17 -13.76 -6.43
N CYS A 426 14.00 -12.66 -7.18
CA CYS A 426 15.08 -11.72 -7.44
C CYS A 426 14.73 -10.35 -6.89
N PHE A 427 15.72 -9.70 -6.27
CA PHE A 427 15.63 -8.31 -5.85
C PHE A 427 16.45 -7.46 -6.80
N GLN A 428 15.82 -6.44 -7.39
CA GLN A 428 16.50 -5.50 -8.26
C GLN A 428 16.46 -4.12 -7.62
N GLY A 429 17.60 -3.46 -7.56
CA GLY A 429 17.65 -2.11 -7.03
C GLY A 429 19.06 -1.54 -7.11
N SER A 430 19.18 -0.29 -6.69
CA SER A 430 20.46 0.40 -6.65
C SER A 430 21.15 0.17 -5.32
N LEU A 431 22.48 0.18 -5.35
CA LEU A 431 23.31 -0.10 -4.19
C LEU A 431 23.90 1.21 -3.66
N TRP A 432 23.89 1.36 -2.34
CA TRP A 432 24.32 2.60 -1.69
C TRP A 432 25.28 2.30 -0.55
N THR A 433 26.00 3.33 -0.14
CA THR A 433 26.78 3.33 1.09
C THR A 433 26.32 4.49 1.94
N GLN A 434 26.46 4.35 3.26
CA GLN A 434 26.09 5.38 4.20
C GLN A 434 27.32 5.81 5.00
N ILE A 435 27.42 7.11 5.26
CA ILE A 435 28.55 7.68 5.97
C ILE A 435 28.03 8.48 7.15
N ASP A 436 28.45 8.10 8.36
CA ASP A 436 28.12 8.84 9.56
C ASP A 436 29.24 9.84 9.83
N LYS A 437 28.93 11.14 9.70
CA LYS A 437 29.96 12.16 9.82
C LYS A 437 30.55 12.19 11.23
N ASN A 438 29.74 11.89 12.24
CA ASN A 438 30.20 11.87 13.62
C ASN A 438 31.41 10.96 13.79
N LEU A 456 20.17 16.17 -1.86
CA LEU A 456 18.94 15.50 -1.43
C LEU A 456 17.89 15.41 -2.53
N LYS A 457 18.06 16.16 -3.63
CA LYS A 457 17.13 16.06 -4.75
C LYS A 457 16.92 14.61 -5.16
N GLU A 458 18.01 13.87 -5.34
CA GLU A 458 17.98 12.55 -5.94
C GLU A 458 17.78 11.43 -4.93
N LEU A 459 17.55 11.75 -3.65
CA LEU A 459 17.29 10.69 -2.69
C LEU A 459 15.80 10.44 -2.56
N PRO A 460 15.38 9.23 -2.19
CA PRO A 460 13.99 9.03 -1.78
C PRO A 460 13.70 9.78 -0.50
N ARG A 461 12.41 10.08 -0.32
CA ARG A 461 11.99 10.89 0.83
C ARG A 461 12.48 10.27 2.14
N ARG A 462 12.45 8.95 2.24
CA ARG A 462 12.89 8.27 3.45
C ARG A 462 14.33 8.66 3.80
N LEU A 463 15.23 8.64 2.82
CA LEU A 463 16.63 8.97 3.08
C LEU A 463 16.83 10.48 3.24
N GLN A 464 16.05 11.29 2.54
CA GLN A 464 16.10 12.74 2.76
C GLN A 464 15.82 13.06 4.22
N MET A 465 14.87 12.37 4.83
CA MET A 465 14.52 12.64 6.22
C MET A 465 15.59 12.11 7.17
N VAL A 466 16.13 10.93 6.91
CA VAL A 466 17.22 10.41 7.71
C VAL A 466 18.39 11.40 7.70
N SER A 467 18.61 12.06 6.57
CA SER A 467 19.71 13.02 6.48
C SER A 467 19.44 14.25 7.33
N LYS A 468 18.22 14.77 7.29
CA LYS A 468 17.87 15.93 8.10
C LYS A 468 17.93 15.63 9.58
N LEU A 469 17.63 14.39 9.98
CA LEU A 469 17.49 14.03 11.38
C LEU A 469 18.70 13.32 11.95
N SER A 470 19.78 13.18 11.18
CA SER A 470 20.99 12.55 11.67
C SER A 470 22.18 13.11 10.92
N ASN A 471 23.37 12.78 11.42
CA ASN A 471 24.62 13.13 10.74
C ASN A 471 25.07 11.98 9.83
N THR A 472 24.16 11.55 8.96
CA THR A 472 24.39 10.41 8.08
C THR A 472 24.18 10.85 6.64
N TYR A 473 25.11 10.45 5.77
CA TYR A 473 25.14 10.85 4.37
C TYR A 473 25.12 9.60 3.50
N PHE A 474 24.39 9.66 2.38
CA PHE A 474 24.17 8.50 1.52
C PHE A 474 24.66 8.78 0.11
N ARG A 475 25.33 7.79 -0.48
CA ARG A 475 25.86 7.89 -1.83
C ARG A 475 25.60 6.59 -2.59
N CYS A 476 25.22 6.73 -3.86
CA CYS A 476 25.09 5.57 -4.73
C CYS A 476 26.47 5.15 -5.24
N LEU A 477 26.71 3.83 -5.24
CA LEU A 477 28.02 3.29 -5.56
C LEU A 477 28.22 3.00 -7.04
N HIS A 478 27.24 3.28 -7.90
CA HIS A 478 27.32 2.87 -9.30
C HIS A 478 26.61 3.88 -10.18
N ASP A 479 26.67 3.62 -11.49
CA ASP A 479 26.08 4.53 -12.46
C ASP A 479 24.58 4.60 -12.27
N LYS A 480 24.05 5.82 -12.37
CA LYS A 480 22.63 6.07 -12.12
C LYS A 480 21.72 5.30 -13.06
N SER A 481 22.22 4.85 -14.21
CA SER A 481 21.39 4.26 -15.24
C SER A 481 21.34 2.73 -15.18
N VAL A 482 22.13 2.10 -14.32
CA VAL A 482 22.05 0.65 -14.13
C VAL A 482 21.62 0.38 -12.70
N GLU A 483 21.13 -0.84 -12.50
CA GLU A 483 20.85 -1.38 -11.18
C GLU A 483 21.40 -2.80 -11.14
N TYR A 484 21.31 -3.43 -9.98
CA TYR A 484 21.84 -4.78 -9.80
C TYR A 484 20.75 -5.72 -9.32
N VAL A 485 20.94 -7.00 -9.62
CA VAL A 485 19.96 -8.03 -9.32
C VAL A 485 20.65 -9.12 -8.50
N CYS A 486 20.13 -9.41 -7.31
CA CYS A 486 20.60 -10.51 -6.51
C CYS A 486 19.42 -11.39 -6.13
N PRO A 487 19.65 -12.68 -5.88
CA PRO A 487 18.56 -13.55 -5.46
C PRO A 487 18.16 -13.26 -4.02
N PHE A 488 16.93 -13.65 -3.70
CA PHE A 488 16.46 -13.57 -2.31
C PHE A 488 17.45 -14.20 -1.34
N ALA A 489 18.23 -15.18 -1.82
CA ALA A 489 19.21 -15.85 -0.97
C ALA A 489 20.25 -14.88 -0.42
N ASP A 490 20.52 -13.78 -1.12
CA ASP A 490 21.53 -12.83 -0.71
C ASP A 490 20.97 -11.61 0.00
N VAL A 491 19.66 -11.57 0.24
CA VAL A 491 19.05 -10.54 1.08
C VAL A 491 19.12 -11.00 2.52
N LEU A 492 19.69 -10.16 3.39
CA LEU A 492 19.92 -10.51 4.77
C LEU A 492 18.84 -9.99 5.71
N GLY A 493 18.21 -8.88 5.37
CA GLY A 493 17.14 -8.34 6.20
C GLY A 493 16.89 -6.89 5.87
N ARG A 494 16.06 -6.27 6.70
CA ARG A 494 15.77 -4.86 6.54
C ARG A 494 16.96 -4.00 6.92
N TRP A 495 17.06 -2.85 6.26
CA TRP A 495 17.90 -1.75 6.73
C TRP A 495 17.06 -0.85 7.62
N TYR A 496 17.58 -0.52 8.78
CA TYR A 496 16.88 0.35 9.73
C TYR A 496 17.59 1.69 9.85
N GLU A 497 16.79 2.73 10.09
CA GLU A 497 17.35 4.06 10.25
C GLU A 497 18.37 4.04 11.38
N PRO A 498 19.39 4.91 11.33
CA PRO A 498 20.52 4.77 12.26
C PRO A 498 20.13 4.90 13.72
N TRP A 499 19.06 5.65 14.03
CA TRP A 499 18.59 5.77 15.40
C TRP A 499 17.68 4.62 15.82
N PHE A 500 17.28 3.77 14.87
CA PHE A 500 16.21 2.80 15.13
C PHE A 500 16.64 1.75 16.15
N VAL A 501 17.92 1.42 16.22
CA VAL A 501 18.39 0.31 17.04
C VAL A 501 19.71 0.71 17.70
N LYS A 502 19.69 0.94 19.00
CA LYS A 502 20.93 0.98 19.78
C LYS A 502 21.52 -0.43 19.80
N GLY A 503 22.76 -0.56 19.37
CA GLY A 503 23.39 -1.86 19.25
C GLY A 503 23.38 -2.37 17.83
N ASP A 504 23.60 -3.69 17.70
CA ASP A 504 23.73 -4.33 16.40
C ASP A 504 22.81 -5.53 16.31
N LEU A 505 22.61 -6.00 15.08
CA LEU A 505 21.75 -7.14 14.78
C LEU A 505 22.64 -8.26 14.24
N ASN A 506 22.99 -9.21 15.11
CA ASN A 506 23.85 -10.33 14.74
C ASN A 506 23.11 -11.66 14.72
N TYR A 507 21.84 -11.68 15.08
CA TYR A 507 21.09 -12.93 15.23
C TYR A 507 20.33 -13.21 13.94
N THR A 508 21.07 -13.67 12.94
CA THR A 508 20.46 -14.15 11.71
C THR A 508 19.72 -15.46 11.97
N SER A 509 18.64 -15.67 11.23
CA SER A 509 17.86 -16.89 11.33
C SER A 509 17.90 -17.62 9.99
N GLU A 510 17.65 -18.93 10.05
CA GLU A 510 17.69 -19.78 8.86
C GLU A 510 16.31 -19.75 8.21
N VAL A 511 16.15 -18.89 7.21
CA VAL A 511 14.90 -18.77 6.47
C VAL A 511 14.94 -19.80 5.34
N LYS A 512 14.17 -20.87 5.49
CA LYS A 512 14.27 -21.99 4.57
C LYS A 512 12.94 -22.64 4.22
N GLU A 513 11.81 -22.12 4.70
CA GLU A 513 10.51 -22.72 4.47
C GLU A 513 9.59 -21.69 3.83
N ARG A 514 9.05 -22.01 2.66
CA ARG A 514 8.07 -21.13 2.02
C ARG A 514 6.68 -21.46 2.51
N THR A 515 5.87 -20.43 2.72
CA THR A 515 4.47 -20.58 3.07
C THR A 515 3.62 -19.76 2.11
N SER A 516 2.33 -20.08 2.09
CA SER A 516 1.39 -19.40 1.20
C SER A 516 0.89 -18.09 1.78
N SER A 517 1.20 -17.79 3.04
CA SER A 517 0.55 -16.71 3.76
C SER A 517 1.27 -16.51 5.08
N ARG A 518 1.16 -15.29 5.63
CA ARG A 518 1.68 -15.06 6.97
C ARG A 518 0.85 -15.81 8.00
N LEU A 519 -0.48 -15.79 7.86
CA LEU A 519 -1.34 -16.52 8.78
C LEU A 519 -1.02 -18.01 8.77
N SER A 520 -0.68 -18.55 7.60
CA SER A 520 -0.34 -19.98 7.52
C SER A 520 0.91 -20.29 8.32
N ALA A 521 1.89 -19.39 8.31
CA ALA A 521 3.09 -19.60 9.11
C ALA A 521 2.86 -19.31 10.59
N VAL A 522 2.01 -18.34 10.90
CA VAL A 522 1.69 -18.05 12.29
C VAL A 522 0.87 -19.18 12.90
N GLY A 523 -0.12 -19.66 12.17
CA GLY A 523 -1.06 -20.62 12.72
C GLY A 523 -2.24 -19.90 13.35
N SER A 524 -3.46 -20.27 12.97
CA SER A 524 -4.63 -19.54 13.44
C SER A 524 -4.77 -19.60 14.95
N GLU A 525 -4.25 -20.67 15.58
CA GLU A 525 -4.31 -20.75 17.05
C GLU A 525 -3.41 -19.72 17.71
N ASN A 526 -2.44 -19.18 16.99
CA ASN A 526 -1.52 -18.18 17.52
C ASN A 526 -1.87 -16.77 17.09
N TRP A 527 -2.90 -16.61 16.25
CA TRP A 527 -3.35 -15.29 15.82
C TRP A 527 -4.36 -14.77 16.84
N VAL A 528 -4.98 -13.63 16.57
CA VAL A 528 -5.88 -12.99 17.52
C VAL A 528 -7.31 -13.44 17.26
N ASP A 529 -8.16 -13.24 18.25
CA ASP A 529 -9.60 -13.46 18.13
C ASP A 529 -10.31 -12.11 17.96
N ASP A 530 -11.59 -12.18 17.62
CA ASP A 530 -12.33 -10.96 17.30
C ASP A 530 -12.39 -9.99 18.47
N ASP A 531 -12.21 -10.46 19.71
CA ASP A 531 -12.24 -9.54 20.85
C ASP A 531 -11.09 -8.55 20.78
N PHE A 532 -9.95 -8.96 20.21
CA PHE A 532 -8.82 -8.07 20.03
C PHE A 532 -9.24 -6.71 19.50
N TYR A 533 -10.08 -6.70 18.46
CA TYR A 533 -10.46 -5.46 17.81
C TYR A 533 -11.52 -4.69 18.59
N GLU A 534 -12.19 -5.36 19.52
CA GLU A 534 -13.12 -4.70 20.41
C GLU A 534 -12.24 -3.93 21.39
N TYR A 535 -11.30 -4.64 22.03
CA TYR A 535 -10.36 -4.00 22.94
C TYR A 535 -9.62 -2.86 22.26
N LEU A 536 -9.08 -3.11 21.06
CA LEU A 536 -8.30 -2.10 20.36
C LEU A 536 -9.09 -0.81 20.21
N LEU A 537 -10.31 -0.92 19.72
CA LEU A 537 -11.14 0.26 19.52
C LEU A 537 -11.25 1.09 20.78
N SER A 538 -11.37 0.43 21.92
CA SER A 538 -11.50 1.12 23.18
C SER A 538 -10.20 1.75 23.59
N GLU A 539 -9.10 1.10 23.21
CA GLU A 539 -7.78 1.60 23.59
C GLU A 539 -7.39 2.84 22.80
N ILE A 540 -7.82 2.95 21.55
CA ILE A 540 -7.42 4.03 20.66
C ILE A 540 -8.58 4.97 20.33
N ASP A 541 -9.74 4.79 20.96
CA ASP A 541 -10.94 5.50 20.54
C ASP A 541 -10.70 7.01 20.46
N MET A 542 -9.97 7.56 21.42
CA MET A 542 -9.76 9.00 21.47
C MET A 542 -8.46 9.43 20.80
N VAL A 543 -7.40 8.63 20.92
CA VAL A 543 -6.07 9.12 20.60
C VAL A 543 -5.79 9.05 19.11
N SER A 544 -6.21 7.97 18.45
CA SER A 544 -5.73 7.67 17.12
C SER A 544 -6.17 8.71 16.10
N ALA A 545 -5.38 8.84 15.04
CA ALA A 545 -5.76 9.66 13.90
C ALA A 545 -6.92 9.02 13.16
N VAL A 546 -7.65 9.86 12.42
CA VAL A 546 -8.85 9.44 11.70
C VAL A 546 -8.63 9.65 10.21
N GLN B 12 -24.38 -7.97 14.90
CA GLN B 12 -24.60 -6.59 14.44
C GLN B 12 -23.59 -5.64 15.07
N SER B 13 -23.24 -5.87 16.34
CA SER B 13 -22.34 -4.97 17.04
C SER B 13 -20.90 -5.08 16.54
N LYS B 14 -20.54 -6.21 15.93
CA LYS B 14 -19.20 -6.35 15.36
C LYS B 14 -19.03 -5.44 14.15
N ASP B 15 -20.08 -5.24 13.36
CA ASP B 15 -19.99 -4.41 12.17
C ASP B 15 -19.69 -2.95 12.53
N LYS B 16 -20.18 -2.49 13.68
CA LYS B 16 -19.95 -1.10 14.06
C LYS B 16 -18.53 -0.88 14.57
N ILE B 17 -17.97 -1.86 15.29
CA ILE B 17 -16.58 -1.76 15.73
C ILE B 17 -15.66 -1.70 14.51
N ILE B 18 -15.79 -2.67 13.61
CA ILE B 18 -14.96 -2.71 12.42
C ILE B 18 -15.07 -1.39 11.66
N ALA B 19 -16.30 -0.90 11.47
CA ALA B 19 -16.48 0.36 10.75
C ALA B 19 -15.76 1.50 11.44
N ALA B 20 -15.74 1.49 12.78
CA ALA B 20 -15.07 2.56 13.52
C ALA B 20 -13.55 2.43 13.42
N LEU B 21 -13.04 1.20 13.46
CA LEU B 21 -11.61 0.99 13.28
C LEU B 21 -11.15 1.39 11.88
N ALA B 22 -12.03 1.25 10.89
CA ALA B 22 -11.67 1.63 9.53
C ALA B 22 -11.47 3.13 9.40
N LYS B 23 -12.24 3.93 10.14
CA LYS B 23 -11.96 5.36 10.21
C LYS B 23 -10.57 5.62 10.77
N ARG B 24 -10.01 4.69 11.54
CA ARG B 24 -8.67 4.79 12.08
C ARG B 24 -7.63 4.08 11.21
N ASN B 25 -8.00 3.68 10.00
CA ASN B 25 -7.09 2.94 9.12
C ASN B 25 -6.62 1.66 9.79
N VAL B 26 -7.52 0.99 10.50
CA VAL B 26 -7.23 -0.28 11.14
C VAL B 26 -8.17 -1.33 10.56
N TYR B 27 -7.60 -2.48 10.19
CA TYR B 27 -8.36 -3.55 9.54
C TYR B 27 -7.89 -4.89 10.06
N LYS B 28 -8.77 -5.88 9.98
CA LYS B 28 -8.39 -7.25 10.33
C LYS B 28 -7.44 -7.87 9.31
N SER B 29 -7.23 -7.22 8.17
CA SER B 29 -6.44 -7.77 7.08
C SER B 29 -5.37 -6.77 6.67
N PHE B 30 -4.23 -7.29 6.22
CA PHE B 30 -3.18 -6.47 5.63
C PHE B 30 -2.40 -7.32 4.64
N ALA B 31 -1.51 -6.66 3.90
CA ALA B 31 -0.77 -7.32 2.84
C ALA B 31 0.00 -8.52 3.37
N GLY B 32 -0.18 -9.68 2.72
CA GLY B 32 0.56 -10.87 3.05
C GLY B 32 -0.06 -11.76 4.12
N LEU B 33 -1.18 -11.35 4.72
CA LEU B 33 -1.73 -12.12 5.83
C LEU B 33 -2.45 -13.37 5.35
N TYR B 34 -3.39 -13.22 4.43
CA TYR B 34 -4.17 -14.34 3.92
C TYR B 34 -3.68 -14.75 2.54
N ASP B 35 -3.91 -16.02 2.20
CA ASP B 35 -3.54 -16.53 0.88
C ASP B 35 -4.25 -15.72 -0.19
N SER B 36 -3.51 -15.35 -1.24
CA SER B 36 -4.07 -14.51 -2.29
C SER B 36 -5.18 -15.23 -3.06
N LYS B 37 -5.08 -16.55 -3.21
CA LYS B 37 -6.12 -17.30 -3.90
C LYS B 37 -7.29 -17.63 -2.98
N GLY B 38 -7.02 -17.82 -1.69
CA GLY B 38 -8.06 -18.15 -0.73
C GLY B 38 -8.21 -19.65 -0.52
N ASN B 50 2.60 -23.49 -5.81
CA ASN B 50 3.56 -22.40 -5.84
C ASN B 50 4.96 -22.96 -6.07
N TYR B 51 5.79 -22.17 -6.75
CA TYR B 51 7.11 -22.64 -7.19
C TYR B 51 8.27 -21.69 -6.88
N ALA B 52 8.02 -20.48 -6.40
CA ALA B 52 9.10 -19.57 -6.08
C ALA B 52 10.10 -20.25 -5.14
N ARG B 53 11.37 -19.98 -5.38
CA ARG B 53 12.43 -20.53 -4.55
C ARG B 53 13.45 -19.44 -4.23
N VAL B 54 14.17 -19.66 -3.14
CA VAL B 54 15.15 -18.72 -2.62
C VAL B 54 16.33 -18.39 -3.51
N GLY B 55 16.89 -19.39 -4.18
CA GLY B 55 18.03 -19.13 -5.02
C GLY B 55 19.31 -19.64 -4.39
N ARG B 56 20.44 -19.24 -4.93
CA ARG B 56 21.73 -19.70 -4.44
C ARG B 56 22.46 -18.57 -3.73
N HIS B 57 22.87 -18.83 -2.49
CA HIS B 57 23.66 -17.88 -1.72
C HIS B 57 25.02 -17.66 -2.37
N GLY B 58 25.58 -16.47 -2.14
CA GLY B 58 26.93 -16.18 -2.60
C GLY B 58 27.12 -16.22 -4.10
N SER B 59 26.04 -16.13 -4.88
CA SER B 59 26.15 -16.10 -6.33
C SER B 59 26.68 -14.73 -6.77
N PHE B 60 26.74 -14.52 -8.08
CA PHE B 60 27.16 -13.23 -8.61
C PHE B 60 25.97 -12.28 -8.71
N ILE B 61 26.25 -11.00 -8.52
CA ILE B 61 25.25 -9.93 -8.51
C ILE B 61 25.52 -9.07 -9.74
N LEU B 62 24.58 -9.10 -10.68
CA LEU B 62 24.85 -8.61 -12.02
C LEU B 62 24.13 -7.30 -12.31
N PRO B 63 24.73 -6.42 -13.10
CA PRO B 63 24.05 -5.17 -13.48
C PRO B 63 23.00 -5.40 -14.56
N VAL B 64 21.97 -4.55 -14.52
CA VAL B 64 20.93 -4.52 -15.56
C VAL B 64 20.55 -3.06 -15.78
N SER B 65 19.74 -2.84 -16.82
CA SER B 65 19.40 -1.50 -17.27
C SER B 65 18.17 -0.98 -16.56
N LYS B 66 18.24 0.27 -16.08
CA LYS B 66 17.06 0.99 -15.59
C LYS B 66 16.46 1.74 -16.78
N SER B 67 15.79 0.98 -17.64
CA SER B 67 15.28 1.55 -18.89
C SER B 67 14.04 2.40 -18.65
N VAL B 68 13.01 1.83 -18.03
CA VAL B 68 11.75 2.54 -17.82
C VAL B 68 11.53 2.62 -16.31
N PRO B 69 10.62 3.48 -15.87
CA PRO B 69 10.38 3.63 -14.42
C PRO B 69 10.01 2.29 -13.79
N THR B 70 10.74 1.94 -12.74
CA THR B 70 10.50 0.69 -12.04
C THR B 70 9.28 0.80 -11.15
N PRO B 71 8.71 -0.33 -10.73
CA PRO B 71 7.54 -0.28 -9.83
C PRO B 71 7.75 0.60 -8.62
N SER B 72 8.97 0.62 -8.06
CA SER B 72 9.21 1.36 -6.83
C SER B 72 8.85 2.83 -6.95
N LEU B 73 9.00 3.42 -8.13
CA LEU B 73 8.79 4.86 -8.29
C LEU B 73 7.32 5.24 -8.27
N LEU B 74 6.42 4.32 -8.62
CA LEU B 74 5.00 4.60 -8.43
C LEU B 74 4.64 4.66 -6.95
N ILE B 75 5.36 3.90 -6.12
CA ILE B 75 5.15 3.97 -4.67
C ILE B 75 5.69 5.30 -4.14
N GLU B 76 6.85 5.73 -4.63
CA GLU B 76 7.45 6.97 -4.16
C GLU B 76 6.64 8.19 -4.56
N GLY B 77 5.99 8.14 -5.71
CA GLY B 77 5.27 9.28 -6.25
C GLY B 77 6.05 10.10 -7.26
N SER B 78 7.34 9.81 -7.42
CA SER B 78 8.14 10.52 -8.43
C SER B 78 7.53 10.37 -9.81
N ILE B 79 6.78 9.28 -10.04
CA ILE B 79 6.15 9.02 -11.32
C ILE B 79 4.77 8.46 -11.06
N VAL B 80 3.82 8.82 -11.91
CA VAL B 80 2.41 8.47 -11.72
C VAL B 80 1.88 7.82 -12.99
N GLN B 81 0.82 7.02 -12.80
CA GLN B 81 0.15 6.37 -13.90
C GLN B 81 -0.83 7.32 -14.56
N ARG B 82 -0.86 7.30 -15.90
CA ARG B 82 -1.79 8.14 -16.63
C ARG B 82 -3.24 7.78 -16.26
N LYS B 83 -4.13 8.75 -16.47
CA LYS B 83 -5.55 8.56 -16.21
C LYS B 83 -6.35 9.18 -17.35
N ASN B 84 -7.50 8.60 -17.64
CA ASN B 84 -8.41 9.11 -18.67
C ASN B 84 -9.30 10.20 -18.07
N ILE B 85 -8.66 11.28 -17.61
CA ILE B 85 -9.34 12.31 -16.84
C ILE B 85 -8.80 13.68 -17.25
N LYS B 86 -9.71 14.64 -17.38
CA LYS B 86 -9.37 16.05 -17.58
C LYS B 86 -9.95 16.84 -16.41
N ILE B 87 -9.13 17.67 -15.78
CA ILE B 87 -9.54 18.47 -14.64
C ILE B 87 -9.16 19.92 -14.89
N GLU B 88 -10.11 20.83 -14.73
CA GLU B 88 -9.86 22.25 -14.92
C GLU B 88 -9.94 22.99 -13.59
#